data_5NF3
#
_entry.id   5NF3
#
_cell.length_a   66.262
_cell.length_b   66.262
_cell.length_c   286.607
_cell.angle_alpha   90.000
_cell.angle_beta   90.000
_cell.angle_gamma   90.000
#
_symmetry.space_group_name_H-M   'P 41 21 2'
#
loop_
_entity.id
_entity.type
_entity.pdbx_description
1 polymer 'Minor fimbrium subunit Mfa1'
2 non-polymer 'CALCIUM ION'
3 non-polymer 'ACETATE ION'
4 water water
#
_entity_poly.entity_id   1
_entity_poly.type   'polypeptide(L)'
_entity_poly.pdbx_seq_one_letter_code
;AAKSYMSMTLSMPMGSARAGDGQDQANPDYHYVGEWAGKDKIEKVSIYMVPQGGPGLVESAEDLDFGTYYENPTIDPATH
NAILKPKKGIKVNSAVGKTVKVYVVLNDIAGKAKALLANVNAADFDAKFKEIIELSTQAQALGTVADGPNPATAAGKIAK
KNGTTDETIMMTCLQPSDALTIEAAVSEANAIAGIKNQAKVTVERSVARAMVSTKAQSYEIKATTQIGEIAAGSVLATIT
DIRWVVAQGERRQYLSKKRGTVPENTWVTPGSGFVPTSSTFHTNATEYYDYAGLWEDHNTNEAVISGTQVPTLADYQLQD
VTGELANALSGKFLLPNTHKSGANAASSDYKRGNTAYVLVRAKFTPKKEAFIDRGKTYSDNTAVPEYVAGEDFFVGENGQ
FYVSMKSVTDPKVGGVAGMKAHKYVKGKVLYYAWLNPSTTSPDSWWNSPVVRNNIYHIHIKSIKKLGFNWNPLVPDPDPS
NPENPNNPDPNPDEPGTPVPTDPENPLPDQDTFMSVEVTVLPW
;
_entity_poly.pdbx_strand_id   A
#
loop_
_chem_comp.id
_chem_comp.type
_chem_comp.name
_chem_comp.formula
ACT non-polymer 'ACETATE ION' 'C2 H3 O2 -1'
CA non-polymer 'CALCIUM ION' 'Ca 2'
#
# COMPACT_ATOMS: atom_id res chain seq x y z
N ALA A 1 -39.16 -13.24 -19.21
CA ALA A 1 -38.92 -14.27 -20.23
C ALA A 1 -37.74 -15.16 -19.83
N ALA A 2 -38.01 -16.42 -19.51
CA ALA A 2 -36.98 -17.30 -18.95
C ALA A 2 -37.29 -18.79 -19.16
N LYS A 3 -36.35 -19.49 -19.79
CA LYS A 3 -36.50 -20.92 -20.03
C LYS A 3 -36.29 -21.71 -18.75
N SER A 4 -35.61 -21.09 -17.80
CA SER A 4 -35.39 -21.71 -16.50
C SER A 4 -34.81 -20.67 -15.54
N TYR A 5 -34.62 -21.06 -14.29
CA TYR A 5 -34.02 -20.20 -13.28
C TYR A 5 -32.86 -20.91 -12.63
N MET A 6 -31.91 -20.12 -12.13
CA MET A 6 -30.77 -20.64 -11.37
C MET A 6 -30.45 -19.68 -10.25
N SER A 7 -29.62 -20.11 -9.29
CA SER A 7 -29.14 -19.19 -8.26
C SER A 7 -27.71 -19.53 -7.82
N MET A 8 -27.12 -18.64 -7.03
CA MET A 8 -25.74 -18.76 -6.56
C MET A 8 -25.62 -18.43 -5.09
N THR A 9 -25.29 -19.41 -4.27
CA THR A 9 -24.86 -19.14 -2.89
C THR A 9 -23.41 -18.66 -2.89
N LEU A 10 -23.14 -17.57 -2.18
CA LEU A 10 -21.79 -16.98 -2.12
C LEU A 10 -21.22 -17.10 -0.72
N SER A 11 -19.93 -17.38 -0.64
CA SER A 11 -19.25 -17.51 0.66
C SER A 11 -17.98 -16.66 0.72
N MET A 12 -17.64 -16.23 1.94
CA MET A 12 -16.42 -15.47 2.21
C MET A 12 -15.62 -16.13 3.33
N LYS A 39 -16.87 -3.49 8.17
CA LYS A 39 -17.98 -4.30 7.66
C LYS A 39 -18.15 -4.08 6.15
N ASP A 40 -18.38 -5.16 5.42
CA ASP A 40 -18.46 -5.06 3.96
C ASP A 40 -19.86 -4.76 3.48
N LYS A 41 -19.96 -3.79 2.58
CA LYS A 41 -21.19 -3.49 1.87
C LYS A 41 -21.08 -4.08 0.48
N ILE A 42 -22.06 -4.89 0.09
CA ILE A 42 -22.11 -5.42 -1.25
C ILE A 42 -23.17 -4.66 -2.00
N GLU A 43 -22.75 -3.89 -3.00
CA GLU A 43 -23.70 -3.09 -3.79
C GLU A 43 -24.18 -3.82 -5.05
N LYS A 44 -23.25 -4.47 -5.75
CA LYS A 44 -23.53 -5.09 -7.04
C LYS A 44 -23.00 -6.51 -7.12
N VAL A 45 -23.65 -7.32 -7.95
CA VAL A 45 -23.28 -8.70 -8.17
C VAL A 45 -23.34 -8.98 -9.65
N SER A 46 -22.27 -9.56 -10.18
CA SER A 46 -22.23 -10.01 -11.55
C SER A 46 -21.98 -11.53 -11.63
N ILE A 47 -22.85 -12.23 -12.35
CA ILE A 47 -22.78 -13.67 -12.51
C ILE A 47 -22.56 -14.08 -13.97
N TYR A 48 -21.55 -14.93 -14.19
CA TYR A 48 -21.20 -15.39 -15.53
C TYR A 48 -21.29 -16.92 -15.62
N MET A 49 -22.17 -17.39 -16.51
CA MET A 49 -22.38 -18.81 -16.73
C MET A 49 -21.63 -19.25 -17.97
N VAL A 50 -20.64 -20.10 -17.77
CA VAL A 50 -19.68 -20.44 -18.81
C VAL A 50 -19.83 -21.91 -19.22
N PRO A 51 -20.41 -22.15 -20.40
CA PRO A 51 -20.53 -23.53 -20.87
C PRO A 51 -19.17 -24.16 -21.07
N GLN A 52 -19.07 -25.44 -20.74
CA GLN A 52 -17.83 -26.18 -20.80
C GLN A 52 -17.71 -26.93 -22.12
N GLY A 53 -16.51 -27.41 -22.44
CA GLY A 53 -16.31 -28.34 -23.53
C GLY A 53 -15.75 -27.78 -24.83
N GLY A 54 -15.66 -26.47 -24.96
CA GLY A 54 -15.19 -25.87 -26.21
C GLY A 54 -15.84 -24.54 -26.52
N PRO A 55 -15.71 -24.08 -27.76
CA PRO A 55 -16.25 -22.77 -28.16
C PRO A 55 -17.76 -22.67 -27.83
N GLY A 56 -18.20 -21.54 -27.30
CA GLY A 56 -19.58 -21.40 -26.88
C GLY A 56 -19.93 -20.01 -26.42
N LEU A 57 -21.20 -19.88 -26.03
CA LEU A 57 -21.80 -18.61 -25.66
C LEU A 57 -21.91 -18.51 -24.14
N VAL A 58 -21.26 -17.48 -23.58
CA VAL A 58 -21.38 -17.17 -22.16
C VAL A 58 -22.70 -16.48 -21.94
N GLU A 59 -23.41 -16.86 -20.88
CA GLU A 59 -24.60 -16.11 -20.48
C GLU A 59 -24.33 -15.41 -19.16
N SER A 60 -24.49 -14.10 -19.18
CA SER A 60 -24.14 -13.27 -18.04
C SER A 60 -25.30 -12.43 -17.55
N ALA A 61 -25.33 -12.23 -16.23
CA ALA A 61 -26.24 -11.30 -15.57
C ALA A 61 -25.40 -10.32 -14.76
N GLU A 62 -25.07 -9.18 -15.35
CA GLU A 62 -24.09 -8.27 -14.78
C GLU A 62 -24.70 -7.10 -14.02
N ASP A 63 -24.00 -6.68 -12.97
CA ASP A 63 -24.35 -5.47 -12.22
C ASP A 63 -25.77 -5.52 -11.65
N LEU A 64 -26.16 -6.68 -11.14
CA LEU A 64 -27.40 -6.84 -10.42
C LEU A 64 -27.34 -6.13 -9.08
N ASP A 65 -28.42 -5.47 -8.71
CA ASP A 65 -28.52 -4.82 -7.41
C ASP A 65 -28.52 -5.88 -6.30
N PHE A 66 -27.52 -5.85 -5.43
CA PHE A 66 -27.36 -6.92 -4.44
C PHE A 66 -28.59 -7.09 -3.55
N GLY A 67 -29.14 -5.98 -3.08
CA GLY A 67 -30.27 -6.01 -2.16
C GLY A 67 -31.54 -6.55 -2.78
N THR A 68 -31.59 -6.57 -4.10
CA THR A 68 -32.71 -7.14 -4.82
C THR A 68 -32.58 -8.65 -4.96
N TYR A 69 -31.36 -9.15 -5.07
CA TYR A 69 -31.16 -10.56 -5.38
C TYR A 69 -30.69 -11.41 -4.21
N TYR A 70 -30.19 -10.77 -3.15
CA TYR A 70 -29.63 -11.49 -2.01
C TYR A 70 -30.15 -11.00 -0.66
N GLU A 71 -30.18 -11.93 0.30
CA GLU A 71 -30.43 -11.59 1.69
C GLU A 71 -29.17 -10.91 2.27
N ASN A 72 -29.30 -10.30 3.44
CA ASN A 72 -28.13 -9.73 4.09
C ASN A 72 -27.20 -10.86 4.56
N PRO A 73 -25.89 -10.57 4.63
CA PRO A 73 -24.91 -11.57 5.07
C PRO A 73 -25.22 -12.18 6.44
N THR A 74 -24.91 -13.46 6.61
CA THR A 74 -25.02 -14.12 7.91
C THR A 74 -23.83 -15.06 8.07
N ILE A 75 -23.63 -15.57 9.30
CA ILE A 75 -22.44 -16.36 9.62
C ILE A 75 -22.75 -17.85 9.80
N ASP A 76 -21.76 -18.67 9.46
CA ASP A 76 -21.82 -20.13 9.59
C ASP A 76 -20.89 -20.58 10.74
N PRO A 77 -21.39 -21.46 11.64
CA PRO A 77 -20.53 -21.91 12.75
C PRO A 77 -19.22 -22.55 12.30
N ALA A 78 -19.31 -23.48 11.34
CA ALA A 78 -18.15 -24.25 10.89
C ALA A 78 -16.99 -23.36 10.46
N THR A 79 -17.17 -22.66 9.34
CA THR A 79 -16.11 -21.86 8.76
C THR A 79 -15.96 -20.50 9.43
N HIS A 80 -16.95 -20.12 10.23
CA HIS A 80 -17.00 -18.79 10.85
C HIS A 80 -16.91 -17.72 9.76
N ASN A 81 -17.37 -18.05 8.56
CA ASN A 81 -17.40 -17.11 7.44
C ASN A 81 -18.81 -16.73 7.04
N ALA A 82 -18.92 -15.67 6.24
CA ALA A 82 -20.21 -15.14 5.84
C ALA A 82 -20.77 -15.91 4.66
N ILE A 83 -22.09 -16.10 4.65
CA ILE A 83 -22.76 -16.63 3.47
C ILE A 83 -23.81 -15.63 2.98
N LEU A 84 -23.85 -15.47 1.65
CA LEU A 84 -24.81 -14.59 1.01
C LEU A 84 -25.84 -15.44 0.30
N LYS A 85 -27.04 -15.48 0.88
CA LYS A 85 -28.10 -16.37 0.42
C LYS A 85 -29.03 -15.73 -0.60
N PRO A 86 -29.23 -16.40 -1.75
CA PRO A 86 -30.07 -15.74 -2.74
C PRO A 86 -31.54 -15.70 -2.33
N LYS A 87 -32.23 -14.63 -2.71
CA LYS A 87 -33.67 -14.50 -2.45
C LYS A 87 -34.44 -14.23 -3.73
N LYS A 88 -33.74 -14.20 -4.85
CA LYS A 88 -34.37 -13.97 -6.15
C LYS A 88 -33.67 -14.82 -7.19
N GLY A 89 -34.44 -15.33 -8.13
CA GLY A 89 -33.91 -16.21 -9.15
C GLY A 89 -33.26 -15.46 -10.29
N ILE A 90 -32.21 -16.06 -10.83
CA ILE A 90 -31.55 -15.56 -12.03
C ILE A 90 -32.17 -16.22 -13.25
N LYS A 91 -32.69 -15.41 -14.17
CA LYS A 91 -33.29 -15.96 -15.39
C LYS A 91 -32.23 -16.62 -16.25
N VAL A 92 -32.54 -17.79 -16.79
CA VAL A 92 -31.65 -18.47 -17.72
C VAL A 92 -32.33 -18.66 -19.05
N ASN A 93 -31.61 -18.36 -20.12
CA ASN A 93 -32.14 -18.59 -21.47
C ASN A 93 -31.16 -19.40 -22.31
N SER A 94 -30.11 -18.77 -22.83
CA SER A 94 -29.21 -19.47 -23.75
C SER A 94 -28.51 -20.66 -23.09
N ALA A 95 -28.29 -20.62 -21.78
CA ALA A 95 -27.52 -21.63 -21.10
C ALA A 95 -28.31 -22.86 -20.66
N VAL A 96 -29.61 -22.88 -20.90
CA VAL A 96 -30.44 -23.99 -20.43
C VAL A 96 -30.03 -25.31 -21.11
N GLY A 97 -29.89 -26.36 -20.31
CA GLY A 97 -29.51 -27.67 -20.78
C GLY A 97 -28.00 -27.87 -20.88
N LYS A 98 -27.24 -26.81 -20.64
CA LYS A 98 -25.79 -26.88 -20.78
C LYS A 98 -25.09 -27.16 -19.46
N THR A 99 -23.92 -27.76 -19.53
CA THR A 99 -23.08 -27.94 -18.36
C THR A 99 -22.19 -26.70 -18.27
N VAL A 100 -22.33 -25.94 -17.18
CA VAL A 100 -21.59 -24.69 -17.01
C VAL A 100 -20.77 -24.65 -15.74
N LYS A 101 -19.82 -23.72 -15.67
CA LYS A 101 -19.25 -23.32 -14.41
C LYS A 101 -19.60 -21.86 -14.21
N VAL A 102 -19.79 -21.45 -12.97
CA VAL A 102 -20.26 -20.10 -12.70
C VAL A 102 -19.14 -19.29 -12.06
N TYR A 103 -18.90 -18.11 -12.60
CA TYR A 103 -17.91 -17.17 -12.09
C TYR A 103 -18.66 -15.99 -11.51
N VAL A 104 -18.09 -15.35 -10.48
CA VAL A 104 -18.76 -14.21 -9.83
C VAL A 104 -17.81 -13.05 -9.61
N VAL A 105 -18.31 -11.83 -9.86
CA VAL A 105 -17.65 -10.59 -9.46
C VAL A 105 -18.61 -9.76 -8.63
N LEU A 106 -18.16 -9.37 -7.44
CA LEU A 106 -18.93 -8.46 -6.61
C LEU A 106 -18.30 -7.08 -6.65
N ASN A 107 -19.16 -6.06 -6.59
CA ASN A 107 -18.72 -4.68 -6.49
C ASN A 107 -17.73 -4.29 -7.58
N ASP A 108 -18.09 -4.59 -8.83
CA ASP A 108 -17.33 -4.21 -10.01
C ASP A 108 -17.50 -2.70 -10.28
N ILE A 109 -17.09 -1.88 -9.30
CA ILE A 109 -17.53 -0.49 -9.26
C ILE A 109 -16.75 0.44 -10.19
N ALA A 110 -15.60 0.00 -10.70
CA ALA A 110 -14.90 0.75 -11.74
C ALA A 110 -15.21 0.21 -13.14
N GLY A 111 -16.06 -0.81 -13.23
CA GLY A 111 -16.44 -1.41 -14.51
C GLY A 111 -15.37 -2.29 -15.15
N LYS A 112 -14.33 -2.63 -14.41
CA LYS A 112 -13.17 -3.26 -14.99
C LYS A 112 -13.45 -4.69 -15.46
N ALA A 113 -14.14 -5.48 -14.64
CA ALA A 113 -14.43 -6.85 -15.01
C ALA A 113 -15.38 -6.91 -16.21
N LYS A 114 -16.44 -6.11 -16.16
CA LYS A 114 -17.38 -6.03 -17.27
C LYS A 114 -16.65 -5.75 -18.58
N ALA A 115 -15.73 -4.78 -18.56
CA ALA A 115 -15.06 -4.36 -19.79
C ALA A 115 -14.11 -5.47 -20.26
N LEU A 116 -13.41 -6.10 -19.33
CA LEU A 116 -12.47 -7.18 -19.67
C LEU A 116 -13.18 -8.43 -20.24
N LEU A 117 -14.35 -8.72 -19.73
CA LEU A 117 -15.02 -9.98 -20.04
C LEU A 117 -16.04 -9.86 -21.15
N ALA A 118 -16.26 -8.65 -21.67
CA ALA A 118 -17.27 -8.44 -22.71
C ALA A 118 -16.94 -9.19 -24.01
N ASN A 119 -17.93 -9.93 -24.49
CA ASN A 119 -17.85 -10.67 -25.75
C ASN A 119 -16.77 -11.73 -25.76
N VAL A 120 -16.41 -12.23 -24.59
CA VAL A 120 -15.45 -13.31 -24.50
C VAL A 120 -16.13 -14.66 -24.69
N ASN A 121 -15.61 -15.44 -25.63
CA ASN A 121 -16.10 -16.76 -25.89
C ASN A 121 -15.96 -17.64 -24.66
N ALA A 122 -16.87 -18.60 -24.53
CA ALA A 122 -16.80 -19.55 -23.43
C ALA A 122 -15.44 -20.26 -23.35
N ALA A 123 -14.85 -20.60 -24.49
CA ALA A 123 -13.55 -21.28 -24.53
C ALA A 123 -12.40 -20.44 -23.96
N ASP A 124 -12.54 -19.11 -24.01
CA ASP A 124 -11.49 -18.20 -23.60
C ASP A 124 -11.72 -17.60 -22.23
N PHE A 125 -12.88 -17.86 -21.65
CA PHE A 125 -13.30 -17.11 -20.48
C PHE A 125 -12.45 -17.41 -19.25
N ASP A 126 -12.14 -18.67 -18.99
CA ASP A 126 -11.35 -18.99 -17.80
C ASP A 126 -9.98 -18.28 -17.80
N ALA A 127 -9.30 -18.28 -18.95
CA ALA A 127 -8.03 -17.59 -19.09
C ALA A 127 -8.19 -16.07 -18.98
N LYS A 128 -9.24 -15.55 -19.60
CA LYS A 128 -9.55 -14.12 -19.53
C LYS A 128 -9.84 -13.66 -18.11
N PHE A 129 -10.38 -14.54 -17.28
CA PHE A 129 -10.69 -14.18 -15.92
C PHE A 129 -9.44 -14.03 -15.05
N LYS A 130 -8.28 -14.44 -15.58
CA LYS A 130 -7.00 -14.24 -14.90
C LYS A 130 -6.06 -13.30 -15.68
N GLU A 131 -6.64 -12.52 -16.60
CA GLU A 131 -5.90 -11.49 -17.31
C GLU A 131 -5.93 -10.16 -16.54
N ILE A 132 -5.19 -9.19 -17.04
CA ILE A 132 -4.89 -7.99 -16.27
C ILE A 132 -5.91 -6.87 -16.46
N ILE A 133 -6.27 -6.23 -15.36
CA ILE A 133 -7.05 -5.00 -15.41
C ILE A 133 -6.19 -3.83 -14.91
N GLU A 134 -6.32 -2.69 -15.58
CA GLU A 134 -5.56 -1.49 -15.25
C GLU A 134 -6.40 -0.50 -14.45
N LEU A 135 -6.00 -0.24 -13.22
CA LEU A 135 -6.74 0.67 -12.36
C LEU A 135 -6.27 2.11 -12.49
N SER A 136 -4.96 2.30 -12.63
CA SER A 136 -4.41 3.61 -12.93
C SER A 136 -3.48 3.50 -14.11
N THR A 137 -3.61 4.43 -15.06
CA THR A 137 -2.64 4.53 -16.16
C THR A 137 -1.24 4.88 -15.64
N GLN A 138 -0.24 4.77 -16.50
CA GLN A 138 1.12 5.11 -16.11
C GLN A 138 1.19 6.59 -15.70
N ALA A 139 0.46 7.46 -16.39
CA ALA A 139 0.44 8.90 -16.04
C ALA A 139 -0.20 9.15 -14.69
N GLN A 140 -1.28 8.41 -14.42
CA GLN A 140 -2.03 8.53 -13.18
C GLN A 140 -1.27 7.94 -11.99
N ALA A 141 -0.20 7.20 -12.27
CA ALA A 141 0.53 6.53 -11.19
C ALA A 141 1.41 7.53 -10.45
N LEU A 142 1.56 8.73 -11.02
CA LEU A 142 2.30 9.80 -10.36
C LEU A 142 1.38 11.00 -10.14
N GLY A 143 1.37 11.53 -8.93
CA GLY A 143 0.67 12.77 -8.63
C GLY A 143 1.56 13.99 -8.46
N THR A 144 0.93 15.12 -8.21
CA THR A 144 1.62 16.36 -7.85
C THR A 144 0.85 17.04 -6.74
N VAL A 145 1.34 18.19 -6.33
CA VAL A 145 0.84 18.89 -5.15
C VAL A 145 -0.62 19.27 -5.33
N ALA A 146 -1.03 19.49 -6.57
CA ALA A 146 -2.42 19.83 -6.88
C ALA A 146 -3.39 18.66 -6.63
N ASP A 147 -2.87 17.44 -6.54
CA ASP A 147 -3.72 16.27 -6.32
C ASP A 147 -4.03 16.05 -4.84
N GLY A 148 -3.20 16.57 -3.96
CA GLY A 148 -3.45 16.43 -2.53
C GLY A 148 -4.63 17.29 -2.12
N PRO A 149 -5.25 17.00 -0.97
CA PRO A 149 -4.89 15.99 0.03
C PRO A 149 -5.58 14.63 -0.18
N ASN A 150 -6.45 14.55 -1.19
CA ASN A 150 -7.20 13.33 -1.47
C ASN A 150 -6.96 12.81 -2.88
N PRO A 151 -5.74 12.37 -3.18
CA PRO A 151 -5.45 11.86 -4.52
C PRO A 151 -6.25 10.62 -4.90
N ALA A 152 -6.61 10.49 -6.16
CA ALA A 152 -7.11 9.23 -6.70
C ALA A 152 -5.95 8.23 -6.72
N THR A 153 -6.15 7.08 -6.06
CA THR A 153 -5.17 6.00 -6.07
C THR A 153 -5.73 4.82 -6.86
N ALA A 154 -4.83 3.97 -7.36
CA ALA A 154 -5.21 2.76 -8.09
C ALA A 154 -6.21 1.90 -7.28
N ALA A 155 -5.82 1.55 -6.07
CA ALA A 155 -6.64 0.70 -5.21
C ALA A 155 -7.94 1.39 -4.77
N GLY A 156 -7.89 2.70 -4.57
CA GLY A 156 -9.06 3.44 -4.17
C GLY A 156 -10.22 3.38 -5.15
N LYS A 157 -9.92 3.10 -6.41
CA LYS A 157 -10.96 3.04 -7.44
C LYS A 157 -11.82 1.79 -7.34
N ILE A 158 -11.33 0.75 -6.67
CA ILE A 158 -12.15 -0.45 -6.46
C ILE A 158 -12.30 -0.81 -4.99
N ALA A 159 -12.08 0.18 -4.13
CA ALA A 159 -12.24 0.01 -2.68
C ALA A 159 -12.55 1.36 -2.08
N LYS A 160 -13.78 1.50 -1.57
CA LYS A 160 -14.29 2.78 -1.09
C LYS A 160 -14.78 2.63 0.34
N LYS A 161 -14.44 3.62 1.17
CA LYS A 161 -15.01 3.71 2.49
C LYS A 161 -16.25 4.58 2.39
N ASN A 162 -17.37 4.07 2.86
CA ASN A 162 -18.62 4.82 2.92
C ASN A 162 -18.77 5.44 4.30
N GLY A 163 -18.22 6.64 4.44
CA GLY A 163 -18.12 7.27 5.74
C GLY A 163 -17.40 6.35 6.70
N THR A 164 -17.98 6.16 7.87
CA THR A 164 -17.41 5.28 8.88
C THR A 164 -18.33 4.08 9.11
N THR A 165 -19.28 3.91 8.21
CA THR A 165 -20.28 2.86 8.34
C THR A 165 -19.74 1.53 7.81
N ASP A 166 -19.26 1.55 6.57
CA ASP A 166 -18.84 0.30 5.95
C ASP A 166 -18.02 0.58 4.70
N GLU A 167 -17.66 -0.48 4.01
CA GLU A 167 -16.74 -0.39 2.88
C GLU A 167 -17.24 -1.21 1.70
N THR A 168 -17.09 -0.62 0.52
CA THR A 168 -17.44 -1.27 -0.73
C THR A 168 -16.17 -1.67 -1.47
N ILE A 169 -15.95 -2.98 -1.56
CA ILE A 169 -14.71 -3.51 -2.11
C ILE A 169 -14.98 -4.59 -3.16
N MET A 170 -14.31 -4.44 -4.30
CA MET A 170 -14.39 -5.40 -5.38
C MET A 170 -13.91 -6.78 -4.94
N MET A 171 -14.65 -7.80 -5.32
CA MET A 171 -14.32 -9.20 -5.01
C MET A 171 -14.53 -10.06 -6.24
N THR A 172 -13.74 -11.13 -6.33
CA THR A 172 -13.81 -12.09 -7.43
C THR A 172 -13.59 -13.48 -6.84
N CYS A 173 -14.03 -14.50 -7.56
CA CYS A 173 -13.78 -15.88 -7.16
C CYS A 173 -12.40 -16.32 -7.62
N LEU A 174 -11.69 -17.04 -6.77
CA LEU A 174 -10.36 -17.58 -7.11
C LEU A 174 -10.51 -18.64 -8.18
N GLN A 175 -11.51 -19.49 -8.00
CA GLN A 175 -11.89 -20.49 -8.97
C GLN A 175 -13.42 -20.51 -9.10
N PRO A 176 -13.92 -20.89 -10.26
CA PRO A 176 -15.38 -20.88 -10.47
C PRO A 176 -16.07 -22.00 -9.71
N SER A 177 -17.41 -22.02 -9.75
CA SER A 177 -18.17 -23.11 -9.17
C SER A 177 -17.79 -24.46 -9.77
N ASP A 178 -18.04 -25.54 -9.04
CA ASP A 178 -18.12 -26.87 -9.64
C ASP A 178 -19.11 -26.84 -10.80
N ALA A 179 -18.88 -27.69 -11.78
CA ALA A 179 -19.73 -27.75 -12.95
C ALA A 179 -21.15 -28.10 -12.54
N LEU A 180 -22.14 -27.55 -13.22
CA LEU A 180 -23.47 -28.10 -13.09
C LEU A 180 -24.26 -27.93 -14.36
N THR A 181 -25.23 -28.82 -14.52
CA THR A 181 -26.10 -28.81 -15.68
C THR A 181 -27.34 -28.02 -15.36
N ILE A 182 -27.56 -26.95 -16.11
CA ILE A 182 -28.77 -26.15 -15.93
C ILE A 182 -29.98 -26.88 -16.48
N GLU A 183 -30.84 -27.36 -15.59
CA GLU A 183 -32.05 -28.03 -16.01
C GLU A 183 -33.09 -27.04 -16.51
N ALA A 184 -33.81 -27.43 -17.55
CA ALA A 184 -34.90 -26.62 -18.07
C ALA A 184 -36.12 -26.66 -17.14
N ALA A 185 -36.90 -25.58 -17.17
CA ALA A 185 -38.22 -25.54 -16.52
C ALA A 185 -38.14 -25.64 -15.00
N VAL A 186 -37.06 -25.12 -14.43
CA VAL A 186 -36.93 -25.08 -12.98
C VAL A 186 -37.55 -23.77 -12.49
N SER A 187 -38.48 -23.88 -11.54
CA SER A 187 -39.17 -22.71 -11.01
C SER A 187 -38.23 -21.83 -10.20
N GLU A 188 -38.52 -20.54 -10.16
CA GLU A 188 -37.73 -19.60 -9.38
C GLU A 188 -37.65 -20.04 -7.92
N ALA A 189 -38.77 -20.52 -7.39
CA ALA A 189 -38.81 -21.00 -6.01
C ALA A 189 -37.82 -22.14 -5.77
N ASN A 190 -37.80 -23.14 -6.65
CA ASN A 190 -36.88 -24.27 -6.49
C ASN A 190 -35.41 -23.83 -6.65
N ALA A 191 -35.14 -22.93 -7.58
CA ALA A 191 -33.80 -22.38 -7.75
C ALA A 191 -33.31 -21.64 -6.50
N ILE A 192 -34.19 -20.86 -5.87
CA ILE A 192 -33.83 -20.07 -4.69
C ILE A 192 -33.58 -20.99 -3.51
N ALA A 193 -34.42 -22.01 -3.41
CA ALA A 193 -34.36 -22.99 -2.31
C ALA A 193 -33.15 -23.92 -2.44
N GLY A 194 -32.53 -23.94 -3.63
CA GLY A 194 -31.37 -24.79 -3.87
C GLY A 194 -31.69 -26.23 -4.24
N ILE A 195 -32.95 -26.49 -4.57
CA ILE A 195 -33.37 -27.83 -4.92
C ILE A 195 -32.76 -28.26 -6.25
N LYS A 196 -32.70 -27.31 -7.17
CA LYS A 196 -32.10 -27.53 -8.48
C LYS A 196 -31.43 -26.25 -8.94
N ASN A 197 -30.44 -26.38 -9.82
CA ASN A 197 -29.83 -25.25 -10.49
C ASN A 197 -29.24 -24.21 -9.53
N GLN A 198 -28.73 -24.65 -8.40
CA GLN A 198 -27.98 -23.76 -7.50
C GLN A 198 -26.51 -24.20 -7.44
N ALA A 199 -25.59 -23.24 -7.60
CA ALA A 199 -24.18 -23.51 -7.35
C ALA A 199 -23.65 -22.65 -6.21
N LYS A 200 -22.42 -22.94 -5.84
CA LYS A 200 -21.76 -22.31 -4.72
C LYS A 200 -20.43 -21.75 -5.22
N VAL A 201 -20.10 -20.53 -4.79
CA VAL A 201 -18.84 -19.89 -5.14
C VAL A 201 -18.28 -19.17 -3.92
N THR A 202 -16.95 -19.19 -3.78
CA THR A 202 -16.26 -18.40 -2.78
C THR A 202 -15.56 -17.22 -3.43
N VAL A 203 -15.68 -16.05 -2.79
CA VAL A 203 -15.10 -14.83 -3.31
C VAL A 203 -14.09 -14.24 -2.32
N GLU A 204 -13.14 -13.49 -2.86
CA GLU A 204 -12.12 -12.81 -2.07
C GLU A 204 -11.89 -11.41 -2.59
N ARG A 205 -11.53 -10.51 -1.69
CA ARG A 205 -11.36 -9.09 -2.02
C ARG A 205 -10.16 -8.88 -2.94
N SER A 206 -10.28 -7.88 -3.79
CA SER A 206 -9.27 -7.59 -4.82
C SER A 206 -8.09 -6.72 -4.33
N VAL A 207 -8.17 -6.21 -3.11
CA VAL A 207 -7.11 -5.34 -2.56
C VAL A 207 -6.61 -5.88 -1.26
N ALA A 208 -5.47 -5.37 -0.82
CA ALA A 208 -4.95 -5.57 0.53
C ALA A 208 -5.12 -4.29 1.33
N ARG A 209 -5.10 -4.42 2.64
CA ARG A 209 -5.22 -3.29 3.55
C ARG A 209 -3.93 -3.12 4.36
N ALA A 210 -3.45 -1.88 4.42
CA ALA A 210 -2.35 -1.52 5.30
C ALA A 210 -2.91 -0.73 6.47
N MET A 211 -2.42 -1.05 7.66
CA MET A 211 -2.78 -0.32 8.88
C MET A 211 -1.54 -0.04 9.71
N VAL A 212 -1.52 1.12 10.36
CA VAL A 212 -0.35 1.53 11.13
C VAL A 212 -0.80 2.03 12.50
N SER A 213 -0.10 1.60 13.54
CA SER A 213 -0.34 2.09 14.89
C SER A 213 0.99 2.43 15.53
N THR A 214 0.93 3.11 16.66
CA THR A 214 2.14 3.54 17.36
C THR A 214 1.95 3.41 18.86
N LYS A 215 3.01 3.01 19.55
CA LYS A 215 3.00 2.91 21.01
C LYS A 215 2.81 4.29 21.63
N ALA A 216 3.47 5.30 21.09
CA ALA A 216 3.35 6.66 21.61
C ALA A 216 3.35 7.68 20.48
N GLN A 217 2.83 8.88 20.74
CA GLN A 217 2.77 9.91 19.70
C GLN A 217 4.03 10.75 19.71
N SER A 218 4.88 10.55 20.72
CA SER A 218 6.19 11.15 20.82
C SER A 218 7.24 10.13 21.21
N TYR A 219 8.48 10.38 20.80
CA TYR A 219 9.60 9.55 21.19
C TYR A 219 10.84 10.37 21.49
N GLU A 220 11.55 9.96 22.53
CA GLU A 220 12.83 10.55 22.94
C GLU A 220 13.98 9.81 22.26
N ILE A 221 14.88 10.56 21.65
CA ILE A 221 16.03 10.00 20.95
C ILE A 221 17.30 10.22 21.78
N LYS A 222 18.02 9.14 22.10
CA LYS A 222 19.27 9.25 22.81
C LYS A 222 20.44 9.21 21.84
N ALA A 223 21.46 10.01 22.12
CA ALA A 223 22.72 9.98 21.37
C ALA A 223 23.43 8.67 21.64
N THR A 224 24.05 8.08 20.63
CA THR A 224 24.85 6.87 20.82
C THR A 224 26.35 7.18 20.75
N THR A 225 26.67 8.45 20.56
CA THR A 225 28.05 8.92 20.52
C THR A 225 28.01 10.41 20.89
N GLN A 226 29.18 11.02 21.13
CA GLN A 226 29.21 12.45 21.44
C GLN A 226 28.67 13.23 20.25
N ILE A 227 27.60 13.99 20.47
CA ILE A 227 27.01 14.87 19.46
C ILE A 227 26.98 16.29 20.02
N GLY A 228 27.89 17.14 19.56
CA GLY A 228 28.05 18.45 20.18
C GLY A 228 28.33 18.31 21.67
N GLU A 229 27.53 18.97 22.49
CA GLU A 229 27.60 18.84 23.95
C GLU A 229 26.82 17.64 24.49
N ILE A 230 26.13 16.90 23.63
CA ILE A 230 25.32 15.77 24.11
C ILE A 230 26.18 14.52 24.17
N ALA A 231 26.40 14.00 25.38
CA ALA A 231 27.19 12.78 25.59
C ALA A 231 26.38 11.56 25.21
N ALA A 232 27.06 10.46 24.87
CA ALA A 232 26.38 9.22 24.53
C ALA A 232 25.51 8.81 25.71
N GLY A 233 24.26 8.45 25.43
CA GLY A 233 23.33 8.05 26.47
C GLY A 233 22.38 9.16 26.91
N SER A 234 22.73 10.41 26.61
CA SER A 234 21.89 11.55 26.97
C SER A 234 20.85 11.79 25.87
N VAL A 235 19.78 12.49 26.22
CA VAL A 235 18.75 12.84 25.24
C VAL A 235 19.24 13.84 24.22
N LEU A 236 19.06 13.46 22.96
CA LEU A 236 19.51 14.23 21.80
C LEU A 236 18.37 15.03 21.17
N ALA A 237 17.19 14.43 21.12
CA ALA A 237 16.07 15.02 20.38
C ALA A 237 14.74 14.39 20.79
N THR A 238 13.66 14.99 20.30
CA THR A 238 12.32 14.47 20.48
C THR A 238 11.65 14.42 19.11
N ILE A 239 11.04 13.28 18.82
CA ILE A 239 10.25 13.10 17.60
C ILE A 239 8.78 13.25 17.92
N THR A 240 8.09 14.10 17.17
CA THR A 240 6.68 14.39 17.37
C THR A 240 5.93 14.37 16.02
N ASP A 241 4.60 14.45 16.08
CA ASP A 241 3.75 14.67 14.88
C ASP A 241 4.00 13.62 13.81
N ILE A 242 3.73 12.38 14.18
CA ILE A 242 4.02 11.25 13.33
C ILE A 242 2.87 11.05 12.36
N ARG A 243 3.20 10.88 11.08
CA ARG A 243 2.21 10.69 10.02
C ARG A 243 2.64 9.55 9.10
N TRP A 244 1.72 9.04 8.27
CA TRP A 244 2.08 8.01 7.31
C TRP A 244 1.33 8.08 6.00
N VAL A 245 1.96 7.51 4.97
CA VAL A 245 1.38 7.26 3.68
C VAL A 245 1.85 5.88 3.20
N VAL A 246 1.23 5.36 2.13
CA VAL A 246 1.60 4.07 1.59
C VAL A 246 1.80 4.21 0.08
N ALA A 247 2.81 3.54 -0.44
CA ALA A 247 3.14 3.67 -1.86
C ALA A 247 3.77 2.41 -2.42
N GLN A 248 3.87 2.38 -3.74
CA GLN A 248 4.50 1.32 -4.49
C GLN A 248 3.79 -0.05 -4.38
N GLY A 249 2.50 -0.03 -4.03
CA GLY A 249 1.61 -1.11 -4.45
C GLY A 249 1.48 -1.02 -5.97
N GLU A 250 0.87 -2.01 -6.62
CA GLU A 250 0.80 -1.96 -8.08
C GLU A 250 -0.33 -1.07 -8.62
N ARG A 251 -0.26 -0.74 -9.91
CA ARG A 251 -1.31 0.04 -10.56
C ARG A 251 -2.21 -0.84 -11.45
N ARG A 252 -1.81 -2.10 -11.65
CA ARG A 252 -2.59 -3.09 -12.40
C ARG A 252 -2.62 -4.38 -11.59
N GLN A 253 -3.55 -5.27 -11.90
CA GLN A 253 -3.59 -6.56 -11.23
C GLN A 253 -4.25 -7.62 -12.10
N TYR A 254 -3.96 -8.88 -11.80
CA TYR A 254 -4.73 -9.96 -12.40
C TYR A 254 -6.12 -9.88 -11.79
N LEU A 255 -7.15 -9.95 -12.62
CA LEU A 255 -8.52 -9.80 -12.13
C LEU A 255 -8.79 -10.73 -10.97
N SER A 256 -8.42 -11.99 -11.13
CA SER A 256 -8.46 -12.94 -10.02
C SER A 256 -7.06 -13.52 -9.87
N LYS A 257 -6.73 -14.00 -8.68
CA LYS A 257 -5.35 -14.36 -8.35
C LYS A 257 -4.77 -15.40 -9.29
N LYS A 258 -3.53 -15.17 -9.70
CA LYS A 258 -2.83 -16.02 -10.64
C LYS A 258 -1.65 -16.75 -9.98
N ARG A 259 -1.65 -18.08 -10.05
CA ARG A 259 -0.58 -18.86 -9.46
C ARG A 259 0.70 -18.72 -10.27
N GLY A 260 1.83 -18.71 -9.57
CA GLY A 260 3.13 -18.81 -10.22
C GLY A 260 3.50 -20.24 -10.54
N THR A 261 4.76 -20.47 -10.91
CA THR A 261 5.27 -21.80 -11.26
C THR A 261 6.41 -22.30 -10.33
N VAL A 262 6.77 -21.52 -9.30
CA VAL A 262 7.81 -21.92 -8.35
C VAL A 262 7.43 -21.60 -6.91
N PRO A 263 7.93 -22.37 -5.92
CA PRO A 263 7.61 -22.19 -4.50
C PRO A 263 7.94 -20.80 -3.97
N GLU A 264 8.89 -20.12 -4.60
CA GLU A 264 9.36 -18.84 -4.10
C GLU A 264 8.41 -17.70 -4.39
N ASN A 265 7.37 -17.92 -5.19
CA ASN A 265 6.35 -16.89 -5.38
C ASN A 265 5.04 -17.54 -5.75
N THR A 266 4.24 -17.84 -4.73
CA THR A 266 3.00 -18.59 -4.88
C THR A 266 2.05 -17.93 -5.86
N TRP A 267 1.86 -16.63 -5.66
CA TRP A 267 0.94 -15.81 -6.44
C TRP A 267 1.70 -14.66 -7.11
N VAL A 268 1.62 -14.59 -8.44
CA VAL A 268 2.34 -13.56 -9.18
C VAL A 268 1.45 -12.35 -9.47
N THR A 269 2.10 -11.21 -9.67
CA THR A 269 1.46 -9.94 -9.99
C THR A 269 2.09 -9.43 -11.30
N PRO A 270 1.43 -8.47 -11.97
CA PRO A 270 1.98 -8.01 -13.24
C PRO A 270 3.42 -7.49 -13.15
N GLY A 271 3.84 -7.00 -12.00
CA GLY A 271 5.19 -6.49 -11.86
C GLY A 271 6.21 -7.42 -11.26
N SER A 272 5.86 -8.69 -11.06
CA SER A 272 6.75 -9.64 -10.38
C SER A 272 8.11 -9.78 -11.02
N GLY A 273 8.17 -9.71 -12.35
CA GLY A 273 9.41 -9.89 -13.07
C GLY A 273 10.31 -8.66 -13.06
N PHE A 274 9.81 -7.53 -12.59
CA PHE A 274 10.57 -6.30 -12.59
C PHE A 274 11.53 -6.17 -11.39
N VAL A 275 12.82 -6.06 -11.68
CA VAL A 275 13.85 -5.95 -10.65
C VAL A 275 14.69 -4.75 -11.03
N PRO A 276 14.46 -3.61 -10.35
CA PRO A 276 15.08 -2.37 -10.83
C PRO A 276 16.57 -2.26 -10.57
N THR A 277 17.25 -1.55 -11.46
CA THR A 277 18.57 -1.00 -11.19
C THR A 277 18.39 0.47 -10.90
N SER A 278 19.47 1.13 -10.46
CA SER A 278 19.42 2.54 -10.12
C SER A 278 18.84 3.38 -11.24
N SER A 279 19.15 3.01 -12.48
CA SER A 279 18.66 3.73 -13.64
C SER A 279 17.26 3.29 -14.14
N THR A 280 17.02 1.98 -14.19
CA THR A 280 15.74 1.51 -14.74
C THR A 280 14.59 1.81 -13.78
N PHE A 281 14.89 2.10 -12.51
CA PHE A 281 13.82 2.47 -11.57
C PHE A 281 13.12 3.72 -12.08
N HIS A 282 13.90 4.71 -12.49
CA HIS A 282 13.33 6.00 -12.85
C HIS A 282 12.61 5.99 -14.19
N THR A 283 13.10 5.20 -15.13
CA THR A 283 12.47 5.11 -16.43
C THR A 283 11.29 4.14 -16.46
N ASN A 284 11.26 3.12 -15.59
CA ASN A 284 10.31 2.01 -15.76
C ASN A 284 9.37 1.68 -14.59
N ALA A 285 9.65 2.22 -13.40
CA ALA A 285 8.87 1.84 -12.22
C ALA A 285 7.38 2.16 -12.34
N THR A 286 7.02 3.27 -13.00
CA THR A 286 5.59 3.61 -13.16
C THR A 286 4.85 2.69 -14.13
N GLU A 287 5.59 1.84 -14.87
CA GLU A 287 4.93 0.81 -15.67
C GLU A 287 4.19 -0.19 -14.79
N TYR A 288 4.55 -0.23 -13.51
CA TYR A 288 4.04 -1.25 -12.58
C TYR A 288 3.46 -0.69 -11.27
N TYR A 289 3.99 0.44 -10.77
CA TYR A 289 3.67 0.87 -9.39
C TYR A 289 2.96 2.23 -9.31
N ASP A 290 2.11 2.36 -8.30
CA ASP A 290 1.36 3.59 -8.00
C ASP A 290 2.08 4.43 -6.92
N TYR A 291 2.26 5.73 -7.15
CA TYR A 291 2.87 6.63 -6.15
C TYR A 291 1.97 7.80 -5.78
N ALA A 292 0.74 7.82 -6.30
CA ALA A 292 -0.15 8.95 -6.12
C ALA A 292 -0.49 9.13 -4.64
N GLY A 293 -0.49 8.03 -3.90
CA GLY A 293 -0.80 8.02 -2.49
C GLY A 293 0.17 8.76 -1.57
N LEU A 294 1.34 9.11 -2.10
CA LEU A 294 2.33 9.86 -1.31
C LEU A 294 1.77 11.25 -0.99
N TRP A 295 0.78 11.69 -1.76
CA TRP A 295 0.20 13.00 -1.58
C TRP A 295 -1.02 13.01 -0.67
N GLU A 296 -1.36 11.85 -0.09
CA GLU A 296 -2.51 11.78 0.80
C GLU A 296 -2.26 12.59 2.05
N ASP A 297 -3.24 13.44 2.36
CA ASP A 297 -3.17 14.33 3.51
C ASP A 297 -1.91 15.19 3.44
N HIS A 298 -1.52 15.57 2.24
CA HIS A 298 -0.38 16.45 2.08
C HIS A 298 -0.74 17.85 2.58
N ASN A 299 0.23 18.48 3.25
CA ASN A 299 0.07 19.85 3.72
C ASN A 299 1.08 20.74 3.01
N THR A 300 0.62 21.85 2.47
CA THR A 300 1.49 22.70 1.67
C THR A 300 2.43 23.55 2.52
N ASN A 301 2.22 23.59 3.84
CA ASN A 301 3.13 24.29 4.76
C ASN A 301 4.25 23.34 5.18
N GLU A 302 5.48 23.65 4.76
CA GLU A 302 6.57 22.73 4.99
C GLU A 302 6.98 22.69 6.46
N ALA A 303 6.45 23.61 7.27
CA ALA A 303 6.68 23.55 8.72
C ALA A 303 5.87 22.43 9.36
N VAL A 304 4.86 21.93 8.64
CA VAL A 304 3.92 20.93 9.13
C VAL A 304 4.24 19.58 8.52
N ILE A 305 4.07 18.50 9.28
CA ILE A 305 4.34 17.18 8.75
C ILE A 305 3.12 16.70 7.92
N SER A 306 3.37 16.25 6.69
CA SER A 306 2.34 15.74 5.77
C SER A 306 2.01 14.26 6.01
N GLY A 307 0.77 13.88 5.74
CA GLY A 307 0.35 12.50 5.83
C GLY A 307 -0.79 12.30 6.80
N THR A 308 -1.24 11.05 6.90
CA THR A 308 -2.32 10.64 7.79
C THR A 308 -1.81 10.41 9.20
N GLN A 309 -2.63 10.75 10.19
CA GLN A 309 -2.32 10.43 11.57
C GLN A 309 -2.19 8.94 11.82
N VAL A 310 -1.32 8.61 12.78
CA VAL A 310 -1.11 7.25 13.22
C VAL A 310 -1.81 7.04 14.57
N PRO A 311 -2.80 6.15 14.63
CA PRO A 311 -3.45 5.93 15.92
C PRO A 311 -2.57 5.19 16.95
N THR A 312 -2.81 5.42 18.24
CA THR A 312 -2.21 4.58 19.27
C THR A 312 -3.08 3.34 19.41
N LEU A 313 -2.58 2.30 20.05
CA LEU A 313 -3.41 1.10 20.20
C LEU A 313 -4.70 1.44 20.96
N ALA A 314 -4.66 2.49 21.78
CA ALA A 314 -5.80 2.91 22.58
C ALA A 314 -6.93 3.50 21.73
N ASP A 315 -6.57 4.15 20.62
CA ASP A 315 -7.55 4.81 19.75
C ASP A 315 -8.56 3.83 19.14
N TYR A 316 -8.23 2.55 19.09
CA TYR A 316 -9.11 1.52 18.53
C TYR A 316 -10.22 1.10 19.50
N GLN A 317 -9.93 1.18 20.79
CA GLN A 317 -10.90 0.82 21.82
C GLN A 317 -11.96 1.91 22.01
N LEU A 318 -11.68 3.10 21.49
CA LEU A 318 -12.59 4.23 21.62
C LEU A 318 -13.89 4.00 20.84
N GLN A 319 -15.02 4.03 21.56
CA GLN A 319 -16.33 3.95 20.93
C GLN A 319 -16.73 5.35 20.47
N ASP A 320 -17.29 5.44 19.27
CA ASP A 320 -17.69 6.71 18.68
C ASP A 320 -16.49 7.67 18.55
N VAL A 321 -15.78 7.56 17.42
CA VAL A 321 -14.62 8.41 17.15
C VAL A 321 -15.05 9.66 16.37
N THR A 322 -14.10 10.55 16.11
CA THR A 322 -14.38 11.83 15.47
C THR A 322 -14.64 11.67 13.97
N GLY A 323 -13.73 12.18 13.15
CA GLY A 323 -13.88 12.13 11.70
C GLY A 323 -12.59 11.78 10.99
N GLU A 324 -11.53 12.56 11.25
CA GLU A 324 -10.24 12.32 10.61
C GLU A 324 -9.46 11.23 11.34
N LEU A 325 -9.81 11.00 12.61
CA LEU A 325 -9.26 9.90 13.37
C LEU A 325 -9.89 8.58 12.90
N ALA A 326 -11.15 8.66 12.48
CA ALA A 326 -11.86 7.50 11.97
C ALA A 326 -11.21 6.99 10.67
N ASN A 327 -10.83 7.91 9.78
CA ASN A 327 -10.21 7.53 8.52
C ASN A 327 -8.83 6.90 8.71
N ALA A 328 -8.13 7.34 9.75
CA ALA A 328 -6.79 6.82 10.06
C ALA A 328 -6.85 5.40 10.59
N LEU A 329 -7.78 5.16 11.50
CA LEU A 329 -7.96 3.85 12.12
C LEU A 329 -8.17 2.74 11.09
N SER A 330 -9.01 3.00 10.08
CA SER A 330 -9.39 1.93 9.16
C SER A 330 -8.30 1.63 8.11
N GLY A 331 -7.27 2.46 8.03
CA GLY A 331 -6.11 2.16 7.21
C GLY A 331 -6.23 2.56 5.75
N LYS A 332 -5.40 1.97 4.88
CA LYS A 332 -5.33 2.33 3.47
C LYS A 332 -5.30 1.09 2.59
N PHE A 333 -5.88 1.19 1.39
CA PHE A 333 -5.88 0.07 0.45
C PHE A 333 -4.73 0.14 -0.54
N LEU A 334 -4.23 -1.03 -0.95
CA LEU A 334 -3.29 -1.10 -2.06
C LEU A 334 -3.47 -2.37 -2.89
N LEU A 335 -2.99 -2.35 -4.13
CA LEU A 335 -3.04 -3.51 -5.00
C LEU A 335 -1.84 -4.41 -4.75
N PRO A 336 -2.02 -5.73 -4.95
CA PRO A 336 -0.97 -6.71 -4.66
C PRO A 336 0.37 -6.46 -5.40
N ASN A 337 1.42 -6.96 -4.77
CA ASN A 337 2.79 -6.76 -5.20
C ASN A 337 3.64 -7.90 -4.63
N THR A 338 4.07 -8.81 -5.51
CA THR A 338 4.89 -9.94 -5.13
C THR A 338 6.09 -10.10 -6.06
N HIS A 339 7.13 -10.75 -5.56
CA HIS A 339 8.33 -11.08 -6.31
C HIS A 339 8.85 -12.41 -5.84
N LYS A 340 9.82 -12.95 -6.57
CA LYS A 340 10.49 -14.18 -6.15
C LYS A 340 11.20 -13.95 -4.80
N SER A 341 10.83 -14.73 -3.80
CA SER A 341 11.48 -14.70 -2.48
C SER A 341 12.82 -15.42 -2.47
N GLY A 342 13.72 -14.97 -1.60
CA GLY A 342 15.04 -15.58 -1.47
C GLY A 342 15.62 -15.38 -0.08
N ALA A 343 16.79 -15.95 0.19
CA ALA A 343 17.39 -15.88 1.53
C ALA A 343 18.50 -14.84 1.67
N ASN A 344 18.73 -14.06 0.61
CA ASN A 344 19.75 -13.01 0.64
C ASN A 344 19.52 -12.04 -0.50
N ALA A 345 20.40 -11.05 -0.61
CA ALA A 345 20.25 -10.00 -1.61
C ALA A 345 20.32 -10.56 -3.03
N ALA A 346 21.13 -11.61 -3.20
CA ALA A 346 21.38 -12.15 -4.53
C ALA A 346 20.19 -12.96 -5.02
N SER A 347 19.52 -13.65 -4.11
CA SER A 347 18.48 -14.60 -4.51
C SER A 347 17.07 -14.08 -4.29
N SER A 348 16.91 -12.98 -3.54
CA SER A 348 15.60 -12.33 -3.42
C SER A 348 15.41 -11.21 -4.47
N ASP A 349 14.30 -11.26 -5.20
CA ASP A 349 13.99 -10.22 -6.18
C ASP A 349 13.24 -9.02 -5.58
N TYR A 350 13.05 -9.02 -4.27
CA TYR A 350 12.52 -7.85 -3.60
C TYR A 350 13.58 -6.76 -3.45
N LYS A 351 13.32 -5.60 -4.03
CA LYS A 351 14.23 -4.46 -3.93
C LYS A 351 13.46 -3.28 -3.38
N ARG A 352 14.18 -2.25 -2.95
CA ARG A 352 13.52 -1.10 -2.37
C ARG A 352 12.71 -0.37 -3.43
N GLY A 353 13.13 -0.49 -4.68
CA GLY A 353 12.39 0.10 -5.79
C GLY A 353 11.30 -0.75 -6.47
N ASN A 354 10.89 -1.86 -5.87
CA ASN A 354 9.78 -2.64 -6.44
C ASN A 354 8.86 -3.26 -5.40
N THR A 355 9.00 -2.81 -4.16
CA THR A 355 8.30 -3.37 -3.03
C THR A 355 7.45 -2.32 -2.36
N ALA A 356 6.22 -2.69 -1.99
CA ALA A 356 5.32 -1.79 -1.31
C ALA A 356 5.88 -1.33 0.04
N TYR A 357 5.76 -0.04 0.32
CA TYR A 357 6.23 0.48 1.59
C TYR A 357 5.29 1.48 2.25
N VAL A 358 5.34 1.48 3.58
CA VAL A 358 4.81 2.57 4.37
C VAL A 358 5.92 3.58 4.59
N LEU A 359 5.61 4.84 4.32
CA LEU A 359 6.50 5.94 4.61
C LEU A 359 5.98 6.66 5.84
N VAL A 360 6.79 6.66 6.89
CA VAL A 360 6.46 7.37 8.12
C VAL A 360 7.20 8.70 8.09
N ARG A 361 6.45 9.76 8.36
CA ARG A 361 7.03 11.11 8.40
C ARG A 361 6.85 11.61 9.81
N ALA A 362 7.81 12.41 10.29
CA ALA A 362 7.73 12.95 11.64
C ALA A 362 8.56 14.23 11.75
N LYS A 363 8.37 14.95 12.85
CA LYS A 363 9.16 16.14 13.18
C LYS A 363 10.27 15.79 14.18
N PHE A 364 11.52 16.04 13.79
CA PHE A 364 12.69 15.81 14.65
C PHE A 364 13.18 17.15 15.21
N THR A 365 13.11 17.33 16.53
CA THR A 365 13.54 18.57 17.15
C THR A 365 14.79 18.33 18.00
N PRO A 366 15.98 18.64 17.46
CA PRO A 366 17.20 18.41 18.23
C PRO A 366 17.42 19.49 19.28
N LYS A 367 17.99 19.11 20.41
CA LYS A 367 18.45 20.08 21.41
C LYS A 367 19.51 21.02 20.82
N LYS A 368 19.40 22.30 21.17
CA LYS A 368 20.30 23.30 20.61
C LYS A 368 21.75 22.94 20.98
N GLU A 369 21.93 22.25 22.09
CA GLU A 369 23.25 21.91 22.61
C GLU A 369 23.90 20.79 21.81
N ALA A 370 23.12 20.15 20.94
CA ALA A 370 23.63 19.08 20.07
C ALA A 370 24.49 19.59 18.92
N PHE A 371 24.47 20.90 18.69
CA PHE A 371 25.09 21.49 17.51
C PHE A 371 26.56 21.86 17.77
N ILE A 372 27.47 21.22 17.05
CA ILE A 372 28.89 21.38 17.33
C ILE A 372 29.34 22.81 17.06
N ASP A 373 28.57 23.56 16.28
CA ASP A 373 28.94 24.94 15.96
C ASP A 373 28.43 25.96 16.98
N ARG A 374 27.71 25.52 18.00
CA ARG A 374 27.09 26.44 18.98
C ARG A 374 28.12 27.27 19.76
N GLY A 375 27.93 28.59 19.78
CA GLY A 375 28.77 29.48 20.58
C GLY A 375 30.09 29.82 19.92
N LYS A 376 30.30 29.35 18.71
CA LYS A 376 31.57 29.55 18.04
C LYS A 376 31.48 30.71 17.05
N THR A 377 32.62 31.03 16.45
CA THR A 377 32.74 32.15 15.52
C THR A 377 33.25 31.69 14.16
N TYR A 378 32.54 32.09 13.10
CA TYR A 378 32.92 31.73 11.73
C TYR A 378 34.27 32.29 11.35
N SER A 379 34.86 31.75 10.29
CA SER A 379 36.16 32.22 9.83
C SER A 379 36.10 33.67 9.36
N ASP A 380 34.92 34.16 9.02
CA ASP A 380 34.77 35.56 8.61
C ASP A 380 34.45 36.46 9.81
N ASN A 381 34.66 35.92 11.00
CA ASN A 381 34.53 36.64 12.25
C ASN A 381 33.09 37.04 12.61
N THR A 382 32.10 36.40 12.00
CA THR A 382 30.72 36.57 12.44
C THR A 382 30.32 35.44 13.42
N ALA A 383 29.34 35.70 14.27
CA ALA A 383 28.94 34.74 15.30
C ALA A 383 27.99 33.66 14.75
N VAL A 384 28.27 32.40 15.09
CA VAL A 384 27.36 31.32 14.71
C VAL A 384 26.05 31.45 15.47
N PRO A 385 24.92 31.49 14.74
CA PRO A 385 23.64 31.61 15.44
C PRO A 385 23.19 30.32 16.12
N GLU A 386 22.46 30.49 17.20
CA GLU A 386 21.84 29.40 17.93
C GLU A 386 20.80 28.70 17.06
N TYR A 387 20.72 27.38 17.13
CA TYR A 387 19.65 26.67 16.42
C TYR A 387 18.28 27.04 16.98
N VAL A 388 17.37 27.36 16.06
CA VAL A 388 15.98 27.69 16.39
C VAL A 388 15.07 26.50 16.09
N ALA A 389 14.40 26.01 17.13
CA ALA A 389 13.51 24.86 17.01
C ALA A 389 12.57 24.97 15.80
N GLY A 390 12.47 23.88 15.05
CA GLY A 390 11.61 23.86 13.88
C GLY A 390 12.27 24.30 12.58
N GLU A 391 13.43 24.93 12.66
CA GLU A 391 14.11 25.35 11.43
C GLU A 391 14.90 24.20 10.81
N ASP A 392 15.36 24.40 9.58
CA ASP A 392 16.26 23.44 8.93
C ASP A 392 17.49 23.18 9.81
N PHE A 393 18.00 21.96 9.77
CA PHE A 393 19.30 21.67 10.31
C PHE A 393 20.02 20.73 9.37
N PHE A 394 21.34 20.69 9.51
CA PHE A 394 22.21 19.96 8.62
C PHE A 394 23.03 18.97 9.38
N VAL A 395 23.02 17.73 8.90
CA VAL A 395 23.80 16.69 9.54
C VAL A 395 24.92 16.27 8.59
N GLY A 396 26.15 16.48 9.05
CA GLY A 396 27.33 16.22 8.23
C GLY A 396 27.60 14.74 8.07
N GLU A 397 28.45 14.40 7.10
CA GLU A 397 28.91 13.02 6.95
C GLU A 397 29.51 12.47 8.25
N ASN A 398 30.00 13.38 9.10
CA ASN A 398 30.63 13.00 10.35
C ASN A 398 29.61 12.79 11.47
N GLY A 399 28.32 12.89 11.13
CA GLY A 399 27.26 12.67 12.09
C GLY A 399 26.95 13.86 12.98
N GLN A 400 27.68 14.95 12.82
CA GLN A 400 27.49 16.14 13.67
C GLN A 400 26.42 17.05 13.09
N PHE A 401 25.81 17.87 13.96
CA PHE A 401 24.73 18.80 13.63
C PHE A 401 25.20 20.25 13.46
N TYR A 402 24.69 20.91 12.43
CA TYR A 402 25.14 22.24 12.01
C TYR A 402 23.91 23.09 11.69
N VAL A 403 23.98 24.40 11.96
CA VAL A 403 22.85 25.28 11.72
C VAL A 403 22.74 25.71 10.28
N SER A 404 23.82 25.54 9.51
CA SER A 404 23.83 25.90 8.09
C SER A 404 24.97 25.23 7.31
N MET A 405 24.92 25.31 5.99
CA MET A 405 25.99 24.77 5.18
C MET A 405 27.30 25.54 5.41
N LYS A 406 27.20 26.82 5.74
CA LYS A 406 28.38 27.62 6.06
C LYS A 406 29.13 26.97 7.20
N SER A 407 28.41 26.55 8.23
CA SER A 407 29.03 25.83 9.35
C SER A 407 29.64 24.51 8.93
N VAL A 408 28.91 23.76 8.12
CA VAL A 408 29.31 22.42 7.76
C VAL A 408 30.73 22.33 7.23
N THR A 409 31.18 23.36 6.51
CA THR A 409 32.46 23.31 5.81
C THR A 409 33.52 24.24 6.43
N ASP A 410 33.17 24.92 7.53
CA ASP A 410 34.11 25.85 8.18
C ASP A 410 34.82 25.20 9.40
N PRO A 411 36.10 24.87 9.26
CA PRO A 411 36.79 24.17 10.35
C PRO A 411 36.81 24.94 11.68
N LYS A 412 36.63 26.25 11.63
CA LYS A 412 36.71 27.05 12.84
C LYS A 412 35.50 26.82 13.75
N VAL A 413 34.42 26.23 13.21
CA VAL A 413 33.25 25.97 14.04
C VAL A 413 32.96 24.47 14.18
N GLY A 414 33.94 23.64 13.83
CA GLY A 414 33.77 22.20 13.92
C GLY A 414 33.29 21.58 12.61
N GLY A 415 33.26 22.39 11.55
CA GLY A 415 32.97 21.90 10.21
C GLY A 415 34.21 21.29 9.56
N VAL A 416 34.06 20.87 8.31
CA VAL A 416 35.13 20.18 7.60
C VAL A 416 35.07 20.58 6.12
N ALA A 417 36.17 21.11 5.60
CA ALA A 417 36.19 21.55 4.21
C ALA A 417 35.89 20.39 3.26
N GLY A 418 34.98 20.60 2.31
CA GLY A 418 34.62 19.54 1.38
C GLY A 418 33.62 18.51 1.91
N MET A 419 33.19 18.67 3.17
CA MET A 419 32.25 17.69 3.75
C MET A 419 30.84 17.99 3.27
N LYS A 420 30.09 16.94 2.95
CA LYS A 420 28.69 17.04 2.57
C LYS A 420 27.82 16.89 3.81
N ALA A 421 26.56 17.29 3.68
CA ALA A 421 25.61 17.17 4.78
C ALA A 421 24.22 16.94 4.22
N HIS A 422 23.39 16.24 5.00
CA HIS A 422 21.95 16.18 4.76
C HIS A 422 21.17 17.31 5.41
N LYS A 423 20.43 18.04 4.58
CA LYS A 423 19.50 19.06 5.04
C LYS A 423 18.14 18.47 5.44
N TYR A 424 17.78 18.65 6.71
CA TYR A 424 16.49 18.23 7.18
C TYR A 424 15.57 19.44 7.19
N VAL A 425 14.65 19.44 6.24
CA VAL A 425 13.81 20.58 5.95
C VAL A 425 12.79 20.81 7.04
N LYS A 426 12.98 21.89 7.80
CA LYS A 426 12.18 22.18 8.97
C LYS A 426 12.09 20.97 9.90
N GLY A 427 13.14 20.17 9.93
CA GLY A 427 13.20 19.01 10.81
C GLY A 427 12.39 17.78 10.40
N LYS A 428 11.93 17.74 9.16
CA LYS A 428 11.21 16.57 8.65
C LYS A 428 12.15 15.36 8.53
N VAL A 429 11.77 14.26 9.18
CA VAL A 429 12.49 12.99 9.05
C VAL A 429 11.56 11.93 8.50
N LEU A 430 12.14 10.98 7.76
CA LEU A 430 11.40 9.93 7.07
C LEU A 430 11.93 8.52 7.41
N TYR A 431 11.01 7.58 7.53
CA TYR A 431 11.29 6.17 7.83
C TYR A 431 10.48 5.23 6.93
N TYR A 432 11.10 4.14 6.50
CA TYR A 432 10.40 3.09 5.77
C TYR A 432 10.01 1.94 6.68
N ALA A 433 8.82 1.42 6.45
CA ALA A 433 8.38 0.14 7.01
C ALA A 433 7.85 -0.75 5.89
N TRP A 434 8.35 -1.98 5.81
CA TRP A 434 7.90 -2.94 4.80
C TRP A 434 6.71 -3.73 5.35
N LEU A 435 5.79 -4.10 4.48
CA LEU A 435 4.44 -4.51 4.90
C LEU A 435 4.37 -5.93 5.42
N ASN A 436 5.27 -6.77 4.97
CA ASN A 436 5.21 -8.19 5.27
C ASN A 436 6.60 -8.76 5.45
N PRO A 437 7.36 -8.23 6.40
CA PRO A 437 8.75 -8.66 6.58
C PRO A 437 8.84 -10.15 6.90
N SER A 438 9.73 -10.84 6.21
CA SER A 438 9.97 -12.27 6.42
C SER A 438 11.37 -12.63 5.90
N THR A 439 12.23 -13.24 6.72
CA THR A 439 11.99 -13.51 8.13
C THR A 439 11.99 -12.21 8.95
N THR A 440 12.07 -12.34 10.27
CA THR A 440 12.13 -11.18 11.16
C THR A 440 13.38 -11.34 12.03
N SER A 441 13.84 -10.29 12.73
CA SER A 441 13.21 -8.98 12.80
C SER A 441 14.00 -7.81 12.17
N PRO A 442 15.34 -7.77 12.35
CA PRO A 442 16.03 -6.54 11.91
C PRO A 442 16.56 -6.60 10.46
N ASP A 443 17.75 -7.16 10.27
CA ASP A 443 18.44 -7.15 8.97
C ASP A 443 18.38 -8.48 8.24
N SER A 444 17.21 -9.11 8.23
CA SER A 444 17.05 -10.38 7.54
C SER A 444 15.65 -10.54 6.95
N TRP A 445 14.85 -9.47 6.97
CA TRP A 445 13.57 -9.49 6.29
C TRP A 445 13.80 -9.22 4.80
N TRP A 446 14.27 -10.24 4.07
CA TRP A 446 14.57 -10.08 2.65
C TRP A 446 13.33 -9.97 1.75
N ASN A 447 12.20 -10.51 2.21
CA ASN A 447 11.00 -10.66 1.36
C ASN A 447 9.78 -9.94 1.93
N SER A 448 8.96 -9.36 1.06
CA SER A 448 7.75 -8.66 1.50
C SER A 448 6.59 -8.73 0.49
N PRO A 449 6.05 -9.95 0.26
CA PRO A 449 4.87 -10.10 -0.60
C PRO A 449 3.63 -9.42 -0.04
N VAL A 450 2.89 -8.72 -0.89
CA VAL A 450 1.57 -8.19 -0.55
C VAL A 450 0.53 -8.89 -1.42
N VAL A 451 -0.35 -9.66 -0.77
CA VAL A 451 -1.38 -10.46 -1.46
C VAL A 451 -2.77 -9.92 -1.09
N ARG A 452 -3.68 -9.90 -2.07
CA ARG A 452 -5.04 -9.40 -1.84
C ARG A 452 -5.75 -10.16 -0.73
N ASN A 453 -6.68 -9.48 -0.08
CA ASN A 453 -7.56 -10.04 0.94
C ASN A 453 -6.78 -10.39 2.21
N ASN A 454 -5.73 -9.62 2.49
CA ASN A 454 -5.00 -9.66 3.75
C ASN A 454 -4.82 -8.28 4.37
N ILE A 455 -4.68 -8.25 5.69
CA ILE A 455 -4.43 -7.02 6.42
C ILE A 455 -3.00 -7.04 6.95
N TYR A 456 -2.26 -5.99 6.64
CA TYR A 456 -0.87 -5.83 7.04
C TYR A 456 -0.80 -4.72 8.08
N HIS A 457 -0.63 -5.11 9.35
CA HIS A 457 -0.65 -4.16 10.45
C HIS A 457 0.75 -3.91 10.94
N ILE A 458 1.24 -2.70 10.73
CA ILE A 458 2.56 -2.28 11.22
C ILE A 458 2.40 -1.50 12.52
N HIS A 459 2.94 -2.02 13.61
CA HIS A 459 2.94 -1.33 14.89
C HIS A 459 4.31 -0.75 15.24
N ILE A 460 4.39 0.57 15.37
CA ILE A 460 5.64 1.24 15.77
C ILE A 460 5.80 1.17 17.29
N LYS A 461 6.84 0.46 17.74
CA LYS A 461 7.12 0.34 19.18
C LYS A 461 8.05 1.46 19.65
N SER A 462 8.92 1.92 18.75
CA SER A 462 9.73 3.12 19.01
C SER A 462 10.40 3.57 17.73
N ILE A 463 10.75 4.86 17.71
CA ILE A 463 11.64 5.43 16.70
C ILE A 463 12.93 5.72 17.43
N LYS A 464 14.01 5.10 16.96
CA LYS A 464 15.25 5.00 17.73
C LYS A 464 16.31 6.03 17.35
N LYS A 465 16.29 6.50 16.11
CA LYS A 465 17.26 7.50 15.69
C LYS A 465 16.82 8.35 14.48
N LEU A 466 17.67 9.31 14.14
CA LEU A 466 17.46 10.20 13.01
C LEU A 466 17.17 9.41 11.74
N GLY A 467 16.08 9.76 11.07
CA GLY A 467 15.73 9.13 9.80
C GLY A 467 16.37 9.80 8.60
N PHE A 468 15.69 9.71 7.45
CA PHE A 468 16.19 10.26 6.20
C PHE A 468 15.54 11.59 5.96
N ASN A 469 16.17 12.41 5.13
CA ASN A 469 15.68 13.75 4.90
C ASN A 469 14.88 13.88 3.60
N TRP A 470 14.94 12.86 2.75
CA TRP A 470 14.09 12.80 1.57
C TRP A 470 13.83 11.35 1.16
N ASN A 471 12.93 11.16 0.20
CA ASN A 471 12.51 9.83 -0.26
C ASN A 471 12.98 9.52 -1.67
N PRO A 472 14.07 8.74 -1.81
CA PRO A 472 14.56 8.38 -3.15
C PRO A 472 13.76 7.26 -3.83
N LEU A 473 12.77 6.71 -3.14
CA LEU A 473 11.99 5.60 -3.71
C LEU A 473 10.75 6.14 -4.42
N VAL A 474 10.99 7.12 -5.30
CA VAL A 474 9.95 7.73 -6.12
C VAL A 474 10.58 8.02 -7.46
N PRO A 475 9.94 7.57 -8.54
CA PRO A 475 10.56 7.82 -9.83
C PRO A 475 10.71 9.32 -10.12
N ASP A 476 11.88 9.70 -10.60
CA ASP A 476 12.16 11.05 -11.00
C ASP A 476 12.24 11.11 -12.52
N PRO A 477 11.29 11.82 -13.18
CA PRO A 477 11.33 11.92 -14.64
C PRO A 477 12.57 12.59 -15.25
N ASP A 478 13.32 13.39 -14.49
CA ASP A 478 14.65 13.88 -14.89
C ASP A 478 15.66 13.71 -13.74
N PRO A 479 16.24 12.50 -13.62
CA PRO A 479 17.08 12.14 -12.47
C PRO A 479 18.39 12.92 -12.37
N SER A 480 18.75 13.68 -13.40
CA SER A 480 20.00 14.45 -13.35
C SER A 480 19.88 15.68 -12.46
N ASN A 481 18.67 16.04 -12.04
CA ASN A 481 18.49 17.22 -11.19
C ASN A 481 17.59 16.84 -10.01
N PRO A 482 17.70 17.56 -8.90
CA PRO A 482 16.99 17.16 -7.68
C PRO A 482 15.48 17.47 -7.66
N GLU A 483 15.04 18.30 -8.59
CA GLU A 483 13.64 18.68 -8.67
C GLU A 483 12.83 17.45 -9.03
N ASN A 484 11.69 17.28 -8.38
CA ASN A 484 10.75 16.24 -8.77
C ASN A 484 9.35 16.55 -8.28
N PRO A 485 8.54 17.20 -9.13
CA PRO A 485 7.16 17.55 -8.77
C PRO A 485 6.27 16.36 -8.40
N ASN A 486 6.66 15.15 -8.76
CA ASN A 486 5.88 13.97 -8.41
C ASN A 486 6.20 13.41 -7.02
N ASN A 487 7.19 14.00 -6.35
CA ASN A 487 7.62 13.56 -5.03
C ASN A 487 7.40 14.66 -3.99
N PRO A 488 6.58 14.39 -2.95
CA PRO A 488 6.44 15.40 -1.89
C PRO A 488 7.69 15.57 -1.01
N ASP A 489 8.60 14.61 -1.07
CA ASP A 489 9.86 14.64 -0.31
C ASP A 489 11.06 14.51 -1.23
N PRO A 490 11.27 15.51 -2.12
CA PRO A 490 12.40 15.48 -3.05
C PRO A 490 13.73 15.83 -2.37
N ASN A 491 14.81 15.52 -3.06
CA ASN A 491 16.17 15.79 -2.60
C ASN A 491 16.44 17.29 -2.39
N PRO A 492 16.67 17.72 -1.13
CA PRO A 492 16.97 19.12 -0.83
C PRO A 492 18.46 19.41 -0.76
N ASP A 493 19.31 18.43 -1.07
CA ASP A 493 20.76 18.55 -0.81
C ASP A 493 21.55 19.08 -1.99
N GLU A 494 22.75 19.57 -1.70
CA GLU A 494 23.64 20.07 -2.73
C GLU A 494 24.19 18.88 -3.51
N PRO A 495 24.70 19.13 -4.73
CA PRO A 495 25.26 18.07 -5.58
C PRO A 495 26.37 17.27 -4.93
N GLY A 496 26.40 15.96 -5.17
CA GLY A 496 27.48 15.13 -4.65
C GLY A 496 27.22 14.63 -3.24
N THR A 497 26.05 14.93 -2.70
CA THR A 497 25.73 14.47 -1.36
C THR A 497 25.31 13.00 -1.47
N PRO A 498 25.85 12.13 -0.58
CA PRO A 498 25.45 10.72 -0.63
C PRO A 498 23.94 10.53 -0.49
N VAL A 499 23.36 9.55 -1.20
CA VAL A 499 21.92 9.32 -1.11
C VAL A 499 21.65 8.45 0.12
N PRO A 500 20.56 8.72 0.84
CA PRO A 500 20.23 7.91 2.02
C PRO A 500 19.93 6.43 1.70
N THR A 501 19.43 6.17 0.51
CA THR A 501 19.06 4.82 0.11
C THR A 501 18.87 4.80 -1.41
N ASP A 502 18.80 3.60 -1.97
CA ASP A 502 18.72 3.44 -3.42
C ASP A 502 17.68 2.37 -3.79
N PRO A 503 16.94 2.57 -4.89
CA PRO A 503 15.92 1.60 -5.33
C PRO A 503 16.46 0.22 -5.69
N GLU A 504 17.75 0.12 -6.06
CA GLU A 504 18.30 -1.19 -6.38
C GLU A 504 18.76 -1.96 -5.12
N ASN A 505 18.68 -1.34 -3.95
CA ASN A 505 19.10 -2.01 -2.72
C ASN A 505 18.09 -3.07 -2.28
N PRO A 506 18.55 -4.05 -1.50
CA PRO A 506 17.64 -5.02 -0.87
C PRO A 506 16.91 -4.38 0.31
N LEU A 507 15.91 -5.06 0.86
CA LEU A 507 15.05 -4.47 1.86
C LEU A 507 15.69 -4.21 3.24
N PRO A 508 16.44 -5.17 3.78
CA PRO A 508 16.79 -5.04 5.21
C PRO A 508 17.76 -3.91 5.58
N ASP A 509 17.55 -3.34 6.77
CA ASP A 509 18.40 -2.30 7.34
C ASP A 509 19.52 -2.89 8.19
N GLN A 510 20.78 -2.56 7.87
CA GLN A 510 21.92 -3.00 8.69
C GLN A 510 21.77 -2.54 10.17
N ASP A 511 21.22 -1.35 10.39
CA ASP A 511 20.93 -0.88 11.76
C ASP A 511 19.57 -0.18 11.82
N THR A 512 18.66 -0.70 12.63
CA THR A 512 17.26 -0.26 12.60
C THR A 512 17.06 1.19 13.06
N PHE A 513 16.29 1.92 12.26
CA PHE A 513 15.82 3.26 12.59
C PHE A 513 14.58 3.20 13.47
N MET A 514 13.70 2.23 13.17
CA MET A 514 12.46 2.01 13.92
C MET A 514 12.40 0.60 14.46
N SER A 515 11.86 0.45 15.67
CA SER A 515 11.46 -0.84 16.16
C SER A 515 9.97 -1.06 15.83
N VAL A 516 9.68 -2.09 15.05
CA VAL A 516 8.29 -2.38 14.64
C VAL A 516 7.96 -3.85 14.75
N GLU A 517 6.67 -4.13 14.94
CA GLU A 517 6.16 -5.49 14.81
C GLU A 517 5.07 -5.46 13.76
N VAL A 518 5.19 -6.36 12.80
CA VAL A 518 4.26 -6.45 11.70
C VAL A 518 3.43 -7.73 11.86
N THR A 519 2.12 -7.58 11.77
CA THR A 519 1.18 -8.70 11.83
C THR A 519 0.39 -8.81 10.53
N VAL A 520 0.31 -10.00 9.98
CA VAL A 520 -0.49 -10.28 8.79
C VAL A 520 -1.64 -11.19 9.17
N LEU A 521 -2.86 -10.78 8.87
CA LEU A 521 -3.97 -11.67 9.10
C LEU A 521 -4.98 -11.68 7.95
N PRO A 522 -5.62 -12.84 7.72
CA PRO A 522 -6.74 -12.93 6.78
C PRO A 522 -7.77 -11.87 7.05
N TRP A 523 -8.24 -11.23 6.00
CA TRP A 523 -9.20 -10.15 6.12
C TRP A 523 -10.62 -10.69 6.37
CA CA B . 14.67 15.62 -11.26
C ACT C . -2.48 -11.14 -5.77
O ACT C . -2.83 -10.77 -6.91
OXT ACT C . -3.33 -11.02 -4.85
CH3 ACT C . -1.10 -11.66 -5.53
H1 ACT C . -0.97 -11.92 -4.49
H2 ACT C . -0.37 -10.89 -5.81
H3 ACT C . -0.94 -12.54 -6.15
#